data_6YRB
#
_entry.id   6YRB
#
_cell.length_a   67.854
_cell.length_b   67.854
_cell.length_c   121.891
_cell.angle_alpha   90.000
_cell.angle_beta   90.000
_cell.angle_gamma   90.000
#
_symmetry.space_group_name_H-M   'I 4'
#
loop_
_entity.id
_entity.type
_entity.pdbx_description
1 polymer 'Envelope polyprotein'
2 polymer "RNA (5'-D(*())-R(P*UP*UP*UP*())-3')"
3 branched beta-D-mannopyranose-(1-4)-2-acetamido-2-deoxy-beta-D-glucopyranose-(1-4)-[alpha-L-fucopyranose-(1-6)]2-acetamido-2-deoxy-beta-D-glucopyranose
4 non-polymer 'IODIDE ION'
5 water water
#
loop_
_entity_poly.entity_id
_entity_poly.type
_entity_poly.pdbx_seq_one_letter_code
_entity_poly.pdbx_strand_id
1 'polypeptide(L)'
;KVTGCTVFCTLAGPGASCEAYSENGIFNISSPTCLVNKVQRFRGSEQKINFICQRVDQDVVVYCNGQKKVILTKTLVIGQ
CIYTFTSLFSLMPDVAHSLAVELCVPGLHGGPFEDDDDKAGWSHPQFEKGGGSGGGSGGGSWSHPQFEK
;
A,B
2 'polyribonucleotide' AUUUA C,D
#
# COMPACT_ATOMS: atom_id res chain seq x y z
N CYS A 5 6.35 -6.33 2.02
CA CYS A 5 6.88 -7.18 0.96
C CYS A 5 5.74 -7.84 0.19
N THR A 6 5.85 -7.84 -1.14
CA THR A 6 4.82 -8.35 -2.02
C THR A 6 5.40 -9.47 -2.87
N VAL A 7 4.66 -10.58 -2.98
CA VAL A 7 5.09 -11.74 -3.75
C VAL A 7 4.04 -12.03 -4.81
N PHE A 8 4.49 -12.14 -6.06
CA PHE A 8 3.63 -12.47 -7.19
C PHE A 8 4.27 -13.59 -7.99
N CYS A 9 3.52 -14.67 -8.23
CA CYS A 9 4.02 -15.85 -8.90
C CYS A 9 3.12 -16.23 -10.06
N THR A 10 3.72 -16.78 -11.11
CA THR A 10 3.01 -17.41 -12.21
C THR A 10 3.53 -18.83 -12.39
N LEU A 11 2.71 -19.67 -12.99
CA LEU A 11 3.09 -21.07 -13.18
C LEU A 11 4.15 -21.19 -14.27
N ALA A 12 5.18 -22.00 -14.00
CA ALA A 12 6.29 -22.22 -14.94
C ALA A 12 6.66 -23.69 -14.86
N GLY A 13 6.26 -24.46 -15.88
CA GLY A 13 6.50 -25.88 -15.92
C GLY A 13 5.82 -26.60 -14.77
N PRO A 14 6.62 -27.32 -13.97
CA PRO A 14 6.06 -28.00 -12.80
C PRO A 14 5.93 -27.11 -11.57
N GLY A 15 6.62 -25.98 -11.53
CA GLY A 15 6.61 -25.12 -10.36
C GLY A 15 6.08 -23.73 -10.62
N ALA A 16 6.84 -22.71 -10.24
CA ALA A 16 6.38 -21.33 -10.34
C ALA A 16 7.54 -20.40 -10.59
N SER A 17 7.26 -19.29 -11.27
CA SER A 17 8.20 -18.20 -11.46
C SER A 17 7.71 -17.01 -10.63
N CYS A 18 8.55 -16.53 -9.73
CA CYS A 18 8.12 -15.58 -8.72
C CYS A 18 9.05 -14.37 -8.67
N GLU A 19 8.57 -13.34 -8.00
CA GLU A 19 9.40 -12.21 -7.61
C GLU A 19 8.86 -11.65 -6.29
N ALA A 20 9.77 -11.13 -5.47
CA ALA A 20 9.42 -10.46 -4.24
C ALA A 20 9.71 -8.98 -4.38
N TYR A 21 8.74 -8.15 -4.00
CA TYR A 21 8.85 -6.70 -4.20
C TYR A 21 8.49 -5.97 -2.91
N SER A 22 9.40 -5.11 -2.47
CA SER A 22 9.16 -4.16 -1.40
C SER A 22 9.67 -2.80 -1.86
N GLU A 23 8.80 -1.79 -1.81
CA GLU A 23 9.17 -0.47 -2.32
C GLU A 23 10.34 0.12 -1.56
N ASN A 24 10.50 -0.23 -0.28
CA ASN A 24 11.61 0.24 0.53
C ASN A 24 12.71 -0.80 0.64
N GLY A 25 12.90 -1.61 -0.41
CA GLY A 25 13.97 -2.58 -0.43
C GLY A 25 13.69 -3.85 0.35
N ILE A 26 14.30 -4.95 -0.06
CA ILE A 26 14.20 -6.24 0.63
C ILE A 26 15.50 -6.46 1.39
N PHE A 27 15.40 -6.59 2.71
CA PHE A 27 16.57 -6.74 3.55
C PHE A 27 16.85 -8.18 3.96
N ASN A 28 15.82 -9.03 4.00
CA ASN A 28 16.03 -10.45 4.23
C ASN A 28 14.88 -11.22 3.60
N ILE A 29 15.20 -12.41 3.08
CA ILE A 29 14.20 -13.25 2.42
C ILE A 29 14.69 -14.69 2.43
N SER A 30 13.76 -15.62 2.63
CA SER A 30 14.06 -17.03 2.62
C SER A 30 12.80 -17.80 2.23
N SER A 31 12.98 -19.08 1.90
CA SER A 31 11.86 -19.91 1.51
C SER A 31 12.18 -21.37 1.78
N PRO A 32 11.27 -22.13 2.38
CA PRO A 32 11.51 -23.57 2.57
C PRO A 32 11.41 -24.38 1.29
N THR A 33 10.82 -23.83 0.23
CA THR A 33 10.60 -24.57 -1.01
C THR A 33 11.11 -23.87 -2.26
N CYS A 34 11.36 -22.56 -2.22
CA CYS A 34 11.79 -21.82 -3.40
C CYS A 34 13.25 -21.43 -3.27
N LEU A 35 13.91 -21.28 -4.42
CA LEU A 35 15.34 -21.01 -4.47
C LEU A 35 15.57 -19.52 -4.31
N VAL A 36 15.64 -19.07 -3.05
CA VAL A 36 15.91 -17.67 -2.73
C VAL A 36 16.40 -17.62 -1.29
N ASN A 37 17.46 -16.83 -1.05
CA ASN A 37 18.03 -16.73 0.28
C ASN A 37 18.94 -15.49 0.32
N LYS A 38 18.49 -14.45 1.02
CA LYS A 38 19.27 -13.24 1.19
C LYS A 38 19.24 -12.86 2.67
N VAL A 39 20.42 -12.60 3.24
CA VAL A 39 20.53 -12.23 4.64
C VAL A 39 21.30 -10.93 4.79
N SER A 45 20.97 -3.06 -0.56
CA SER A 45 19.66 -3.70 -0.43
C SER A 45 18.89 -3.61 -1.74
N GLU A 46 18.26 -4.71 -2.13
CA GLU A 46 17.55 -4.81 -3.39
C GLU A 46 16.07 -4.50 -3.20
N GLN A 47 15.48 -3.87 -4.22
CA GLN A 47 14.05 -3.57 -4.21
C GLN A 47 13.20 -4.71 -4.76
N LYS A 48 13.80 -5.61 -5.55
CA LYS A 48 13.07 -6.63 -6.27
C LYS A 48 13.99 -7.83 -6.48
N ILE A 49 13.49 -9.03 -6.21
CA ILE A 49 14.26 -10.26 -6.32
C ILE A 49 13.44 -11.28 -7.08
N ASN A 50 13.99 -11.79 -8.17
CA ASN A 50 13.34 -12.83 -8.97
C ASN A 50 13.86 -14.20 -8.55
N PHE A 51 12.96 -15.18 -8.49
CA PHE A 51 13.30 -16.51 -8.04
C PHE A 51 12.22 -17.47 -8.52
N ILE A 52 12.55 -18.77 -8.50
CA ILE A 52 11.65 -19.80 -8.95
C ILE A 52 11.42 -20.78 -7.81
N CYS A 53 10.37 -21.59 -7.97
CA CYS A 53 10.07 -22.70 -7.07
C CYS A 53 9.94 -23.95 -7.91
N GLN A 54 10.79 -24.95 -7.65
CA GLN A 54 10.83 -26.13 -8.50
C GLN A 54 9.52 -26.92 -8.42
N ARG A 55 8.82 -26.86 -7.30
CA ARG A 55 7.56 -27.58 -7.14
C ARG A 55 6.56 -26.70 -6.42
N VAL A 56 5.29 -26.90 -6.76
CA VAL A 56 4.18 -26.23 -6.06
C VAL A 56 3.22 -27.26 -5.47
N ASP A 57 3.67 -28.51 -5.29
CA ASP A 57 2.87 -29.50 -4.57
C ASP A 57 2.52 -28.98 -3.18
N GLN A 58 3.49 -28.37 -2.50
CA GLN A 58 3.22 -27.57 -1.31
C GLN A 58 3.05 -26.11 -1.72
N ASP A 59 2.22 -25.41 -0.96
CA ASP A 59 1.97 -24.01 -1.26
C ASP A 59 3.23 -23.17 -1.07
N VAL A 60 3.35 -22.12 -1.88
CA VAL A 60 4.54 -21.28 -1.84
C VAL A 60 4.60 -20.53 -0.51
N VAL A 61 5.70 -20.72 0.22
CA VAL A 61 5.92 -20.04 1.49
C VAL A 61 7.22 -19.27 1.38
N VAL A 62 7.16 -17.97 1.62
CA VAL A 62 8.33 -17.09 1.52
C VAL A 62 8.31 -16.13 2.70
N TYR A 63 9.37 -16.15 3.49
CA TYR A 63 9.57 -15.15 4.54
C TYR A 63 10.34 -13.97 3.95
N CYS A 64 9.85 -12.76 4.20
CA CYS A 64 10.42 -11.58 3.58
C CYS A 64 10.17 -10.37 4.46
N ASN A 65 11.25 -9.71 4.89
CA ASN A 65 11.18 -8.50 5.72
C ASN A 65 10.34 -8.73 6.97
N GLY A 66 10.68 -9.78 7.71
CA GLY A 66 9.95 -10.10 8.93
C GLY A 66 8.48 -10.38 8.71
N GLN A 67 8.12 -10.91 7.54
CA GLN A 67 6.72 -11.11 7.17
C GLN A 67 6.60 -12.42 6.43
N LYS A 68 5.77 -13.33 6.95
CA LYS A 68 5.52 -14.59 6.29
C LYS A 68 4.44 -14.42 5.23
N LYS A 69 4.73 -14.88 4.02
CA LYS A 69 3.81 -14.76 2.90
C LYS A 69 3.48 -16.15 2.36
N VAL A 70 2.19 -16.42 2.20
CA VAL A 70 1.69 -17.71 1.73
C VAL A 70 0.88 -17.46 0.46
N ILE A 71 1.39 -17.92 -0.67
CA ILE A 71 0.67 -17.86 -1.93
C ILE A 71 0.23 -19.28 -2.25
N LEU A 72 -1.07 -19.55 -2.08
CA LEU A 72 -1.60 -20.88 -2.26
C LEU A 72 -1.48 -21.32 -3.72
N THR A 73 -1.25 -22.62 -3.92
CA THR A 73 -1.21 -23.17 -5.27
C THR A 73 -2.56 -23.00 -5.97
N LYS A 74 -3.65 -23.09 -5.20
CA LYS A 74 -4.98 -22.79 -5.75
C LYS A 74 -5.03 -21.38 -6.31
N THR A 75 -4.42 -20.42 -5.61
CA THR A 75 -4.39 -19.04 -6.09
C THR A 75 -3.62 -18.94 -7.41
N LEU A 76 -2.52 -19.70 -7.53
CA LEU A 76 -1.74 -19.68 -8.77
C LEU A 76 -2.52 -20.28 -9.92
N VAL A 77 -3.33 -21.31 -9.66
CA VAL A 77 -4.14 -21.91 -10.71
C VAL A 77 -5.24 -20.96 -11.16
N ILE A 78 -5.81 -20.17 -10.24
CA ILE A 78 -6.81 -19.19 -10.62
C ILE A 78 -6.21 -18.15 -11.56
N GLY A 79 -4.96 -17.74 -11.30
CA GLY A 79 -4.31 -16.80 -12.19
C GLY A 79 -4.05 -17.38 -13.57
N GLN A 80 -3.57 -18.62 -13.62
CA GLN A 80 -3.38 -19.28 -14.91
C GLN A 80 -4.71 -19.50 -15.63
N CYS A 81 -5.78 -19.74 -14.87
CA CYS A 81 -7.11 -19.81 -15.47
C CYS A 81 -7.46 -18.50 -16.15
N ILE A 82 -7.22 -17.37 -15.48
CA ILE A 82 -7.46 -16.06 -16.08
C ILE A 82 -6.62 -15.89 -17.33
N TYR A 83 -5.36 -16.32 -17.29
CA TYR A 83 -4.51 -16.26 -18.47
C TYR A 83 -5.04 -17.17 -19.58
N THR A 84 -5.50 -18.37 -19.21
CA THR A 84 -5.94 -19.34 -20.22
C THR A 84 -7.19 -18.86 -20.95
N PHE A 85 -8.21 -18.40 -20.20
CA PHE A 85 -9.45 -17.99 -20.83
C PHE A 85 -9.37 -16.62 -21.48
N THR A 86 -8.44 -15.76 -21.04
CA THR A 86 -8.21 -14.52 -21.77
C THR A 86 -7.66 -14.82 -23.16
N SER A 87 -6.73 -15.77 -23.26
CA SER A 87 -6.27 -16.21 -24.57
C SER A 87 -7.37 -16.91 -25.35
N LEU A 88 -8.31 -17.57 -24.64
CA LEU A 88 -9.42 -18.22 -25.31
C LEU A 88 -10.35 -17.19 -25.94
N PHE A 89 -10.68 -16.13 -25.19
CA PHE A 89 -11.54 -15.05 -25.68
C PHE A 89 -10.76 -13.95 -26.39
N SER A 90 -9.53 -14.24 -26.83
CA SER A 90 -8.65 -13.20 -27.33
C SER A 90 -9.14 -12.54 -28.61
N LEU A 91 -10.12 -13.14 -29.29
CA LEU A 91 -10.74 -12.47 -30.44
C LEU A 91 -11.73 -11.40 -30.03
N MET A 92 -12.04 -11.28 -28.73
CA MET A 92 -12.91 -10.25 -28.20
C MET A 92 -12.10 -9.45 -27.19
N PRO A 93 -11.24 -8.54 -27.66
CA PRO A 93 -10.23 -7.96 -26.76
C PRO A 93 -10.79 -7.03 -25.70
N ASP A 94 -12.04 -6.56 -25.85
CA ASP A 94 -12.60 -5.65 -24.86
C ASP A 94 -13.19 -6.37 -23.65
N VAL A 95 -13.58 -7.63 -23.79
CA VAL A 95 -14.23 -8.38 -22.72
C VAL A 95 -13.47 -9.65 -22.35
N ALA A 96 -12.35 -9.93 -23.01
CA ALA A 96 -11.67 -11.22 -22.82
C ALA A 96 -11.20 -11.37 -21.38
N HIS A 97 -10.44 -10.39 -20.88
CA HIS A 97 -9.93 -10.49 -19.51
C HIS A 97 -11.06 -10.42 -18.49
N SER A 98 -12.02 -9.52 -18.69
CA SER A 98 -13.11 -9.36 -17.74
C SER A 98 -13.95 -10.63 -17.64
N LEU A 99 -14.22 -11.27 -18.77
CA LEU A 99 -14.99 -12.51 -18.74
C LEU A 99 -14.17 -13.66 -18.15
N ALA A 100 -12.84 -13.62 -18.33
CA ALA A 100 -11.99 -14.66 -17.75
C ALA A 100 -11.96 -14.55 -16.23
N VAL A 101 -11.90 -13.32 -15.71
CA VAL A 101 -11.96 -13.12 -14.26
C VAL A 101 -13.30 -13.61 -13.73
N GLU A 102 -14.38 -13.39 -14.49
CA GLU A 102 -15.71 -13.79 -14.03
C GLU A 102 -15.83 -15.31 -13.93
N LEU A 103 -15.16 -16.04 -14.82
CA LEU A 103 -15.26 -17.50 -14.82
C LEU A 103 -14.29 -18.14 -13.84
N CYS A 104 -13.13 -17.54 -13.62
CA CYS A 104 -12.04 -18.21 -12.91
C CYS A 104 -11.95 -17.85 -11.43
N VAL A 105 -12.56 -16.76 -11.00
CA VAL A 105 -12.48 -16.31 -9.61
C VAL A 105 -13.72 -16.84 -8.89
N PRO A 106 -13.59 -17.82 -8.00
CA PRO A 106 -14.79 -18.36 -7.30
C PRO A 106 -15.44 -17.37 -6.35
N GLY A 107 -14.82 -16.23 -6.08
CA GLY A 107 -15.39 -15.29 -5.13
C GLY A 107 -16.48 -14.43 -5.74
N LEU A 108 -17.42 -14.04 -4.88
CA LEU A 108 -18.55 -13.15 -5.25
C LEU A 108 -19.37 -13.84 -6.33
N HIS A 109 -19.77 -13.12 -7.38
CA HIS A 109 -20.62 -13.65 -8.43
C HIS A 109 -19.86 -14.65 -9.31
N CYS B 5 -6.67 3.25 3.96
CA CYS B 5 -6.91 4.57 3.42
C CYS B 5 -5.66 5.43 3.51
N THR B 6 -5.78 6.69 3.12
CA THR B 6 -4.69 7.67 3.22
C THR B 6 -5.24 8.92 3.90
N VAL B 7 -4.59 9.33 4.98
CA VAL B 7 -5.02 10.47 5.78
C VAL B 7 -3.94 11.54 5.71
N PHE B 8 -4.34 12.77 5.38
CA PHE B 8 -3.43 13.91 5.33
C PHE B 8 -4.08 15.07 6.06
N CYS B 9 -3.36 15.63 7.04
CA CYS B 9 -3.88 16.71 7.87
C CYS B 9 -2.92 17.89 7.87
N THR B 10 -3.48 19.08 8.03
CA THR B 10 -2.72 20.29 8.29
C THR B 10 -3.29 20.99 9.52
N LEU B 11 -2.45 21.76 10.19
CA LEU B 11 -2.89 22.43 11.41
C LEU B 11 -3.89 23.53 11.08
N ALA B 12 -4.93 23.63 11.90
CA ALA B 12 -5.98 24.64 11.71
C ALA B 12 -6.43 25.10 13.10
N GLY B 13 -5.97 26.28 13.51
CA GLY B 13 -6.28 26.81 14.81
C GLY B 13 -5.72 25.93 15.91
N PRO B 14 -6.59 25.47 16.82
CA PRO B 14 -6.12 24.55 17.87
C PRO B 14 -6.00 23.12 17.43
N GLY B 15 -6.72 22.71 16.38
CA GLY B 15 -6.70 21.34 15.93
C GLY B 15 -6.11 21.16 14.54
N ALA B 16 -6.83 20.47 13.66
CA ALA B 16 -6.30 20.15 12.35
C ALA B 16 -7.45 19.92 11.37
N SER B 17 -7.17 20.21 10.10
CA SER B 17 -8.09 19.93 9.00
C SER B 17 -7.54 18.76 8.20
N CYS B 18 -8.36 17.73 8.00
CA CYS B 18 -7.89 16.45 7.50
C CYS B 18 -8.68 16.02 6.26
N GLU B 19 -8.15 15.00 5.59
CA GLU B 19 -8.78 14.40 4.43
C GLU B 19 -8.41 12.93 4.38
N ALA B 20 -9.40 12.06 4.20
CA ALA B 20 -9.21 10.64 4.05
C ALA B 20 -9.40 10.26 2.60
N TYR B 21 -8.47 9.47 2.04
CA TYR B 21 -8.49 9.13 0.62
C TYR B 21 -8.31 7.64 0.44
N SER B 22 -9.01 7.10 -0.55
CA SER B 22 -8.88 5.70 -0.95
C SER B 22 -9.44 5.57 -2.36
N GLU B 23 -8.59 5.17 -3.32
CA GLU B 23 -9.04 5.09 -4.70
C GLU B 23 -10.22 4.14 -4.86
N ASN B 24 -10.20 3.02 -4.13
CA ASN B 24 -11.30 2.07 -4.19
C ASN B 24 -12.52 2.52 -3.39
N GLY B 25 -12.40 3.58 -2.60
CA GLY B 25 -13.53 4.10 -1.86
C GLY B 25 -13.40 3.86 -0.38
N ILE B 26 -13.98 4.76 0.41
CA ILE B 26 -14.00 4.67 1.86
C ILE B 26 -15.32 4.04 2.25
N PHE B 27 -15.27 2.80 2.74
CA PHE B 27 -16.49 2.09 3.10
C PHE B 27 -16.96 2.44 4.50
N ASN B 28 -16.04 2.54 5.45
CA ASN B 28 -16.36 2.94 6.82
C ASN B 28 -15.19 3.74 7.38
N ILE B 29 -15.52 4.69 8.26
CA ILE B 29 -14.50 5.53 8.87
C ILE B 29 -15.05 6.06 10.19
N SER B 30 -14.18 6.10 11.20
CA SER B 30 -14.53 6.64 12.50
C SER B 30 -13.26 7.18 13.15
N SER B 31 -13.44 7.88 14.28
CA SER B 31 -12.32 8.47 14.99
C SER B 31 -12.72 8.72 16.43
N PRO B 32 -11.81 8.54 17.40
CA PRO B 32 -12.15 8.86 18.79
C PRO B 32 -12.06 10.33 19.13
N THR B 33 -11.37 11.14 18.30
CA THR B 33 -11.16 12.55 18.61
C THR B 33 -11.51 13.50 17.46
N CYS B 34 -11.81 12.99 16.27
CA CYS B 34 -12.12 13.82 15.11
C CYS B 34 -13.58 13.63 14.70
N LEU B 35 -14.14 14.65 14.05
CA LEU B 35 -15.55 14.68 13.69
C LEU B 35 -15.74 14.01 12.33
N VAL B 36 -15.77 12.68 12.36
CA VAL B 36 -15.99 11.86 11.17
C VAL B 36 -16.55 10.51 11.62
N ASN B 37 -17.61 10.08 10.94
CA ASN B 37 -18.27 8.82 11.30
C ASN B 37 -19.14 8.40 10.12
N LYS B 38 -18.80 7.28 9.49
CA LYS B 38 -19.54 6.75 8.35
C LYS B 38 -19.55 5.23 8.42
N VAL B 39 -20.71 4.62 8.19
CA VAL B 39 -20.85 3.18 8.20
C VAL B 39 -22.00 2.75 7.31
N SER B 45 -20.19 4.11 -0.80
CA SER B 45 -18.79 4.40 -0.50
C SER B 45 -18.30 5.60 -1.32
N GLU B 46 -17.47 6.44 -0.69
CA GLU B 46 -16.92 7.62 -1.32
C GLU B 46 -15.41 7.54 -1.34
N GLN B 47 -14.79 8.19 -2.33
CA GLN B 47 -13.35 8.16 -2.46
C GLN B 47 -12.64 9.12 -1.50
N LYS B 48 -13.31 10.22 -1.13
CA LYS B 48 -12.67 11.30 -0.42
C LYS B 48 -13.60 11.85 0.66
N ILE B 49 -13.10 11.97 1.88
CA ILE B 49 -13.87 12.46 3.01
C ILE B 49 -13.02 13.48 3.76
N ASN B 50 -13.50 14.73 3.82
CA ASN B 50 -12.84 15.79 4.56
C ASN B 50 -13.47 15.91 5.94
N PHE B 51 -12.62 16.17 6.94
CA PHE B 51 -13.09 16.30 8.32
C PHE B 51 -12.07 17.08 9.11
N ILE B 52 -12.50 17.57 10.28
CA ILE B 52 -11.65 18.37 11.15
C ILE B 52 -11.50 17.65 12.48
N CYS B 53 -10.41 17.97 13.17
CA CYS B 53 -10.16 17.50 14.53
C CYS B 53 -10.04 18.73 15.42
N GLN B 54 -10.91 18.82 16.43
CA GLN B 54 -10.97 20.03 17.24
C GLN B 54 -9.69 20.25 18.05
N ARG B 55 -9.07 19.16 18.51
CA ARG B 55 -7.83 19.25 19.28
C ARG B 55 -6.81 18.25 18.73
N VAL B 56 -5.55 18.62 18.86
CA VAL B 56 -4.44 17.72 18.54
C VAL B 56 -3.52 17.52 19.75
N ASP B 57 -4.02 17.78 20.95
CA ASP B 57 -3.30 17.38 22.16
C ASP B 57 -3.02 15.89 22.15
N GLN B 58 -3.93 15.10 21.59
CA GLN B 58 -3.73 13.69 21.31
C GLN B 58 -3.60 13.51 19.81
N ASP B 59 -2.76 12.55 19.40
CA ASP B 59 -2.48 12.35 17.99
C ASP B 59 -3.75 12.04 17.22
N VAL B 60 -3.76 12.42 15.94
CA VAL B 60 -4.93 12.19 15.09
C VAL B 60 -5.04 10.70 14.82
N VAL B 61 -6.05 10.07 15.39
CA VAL B 61 -6.30 8.64 15.22
C VAL B 61 -7.56 8.47 14.39
N VAL B 62 -7.45 7.75 13.28
CA VAL B 62 -8.56 7.52 12.36
C VAL B 62 -8.61 6.04 12.03
N TYR B 63 -9.79 5.44 12.17
CA TYR B 63 -10.02 4.05 11.78
C TYR B 63 -10.79 4.06 10.46
N CYS B 64 -10.12 3.68 9.38
CA CYS B 64 -10.68 3.77 8.04
C CYS B 64 -10.47 2.45 7.30
N ASN B 65 -11.58 1.83 6.90
CA ASN B 65 -11.57 0.56 6.17
C ASN B 65 -10.83 -0.53 6.93
N GLY B 66 -10.93 -0.52 8.26
CA GLY B 66 -10.30 -1.53 9.08
C GLY B 66 -8.84 -1.29 9.40
N GLN B 67 -8.24 -0.24 8.86
CA GLN B 67 -6.85 0.12 9.15
C GLN B 67 -6.81 1.21 10.21
N LYS B 68 -5.88 1.09 11.15
CA LYS B 68 -5.67 2.11 12.16
C LYS B 68 -4.67 3.14 11.61
N LYS B 69 -5.13 4.37 11.45
CA LYS B 69 -4.29 5.48 11.00
C LYS B 69 -3.97 6.38 12.19
N VAL B 70 -2.67 6.65 12.38
CA VAL B 70 -2.21 7.53 13.46
C VAL B 70 -1.27 8.55 12.84
N ILE B 71 -1.74 9.78 12.71
CA ILE B 71 -0.90 10.91 12.29
C ILE B 71 -0.48 11.64 13.55
N LEU B 72 0.78 11.47 13.94
CA LEU B 72 1.28 12.09 15.16
C LEU B 72 1.25 13.61 15.03
N THR B 73 0.92 14.28 16.14
CA THR B 73 1.00 15.74 16.17
C THR B 73 2.42 16.21 15.89
N LYS B 74 3.41 15.44 16.36
CA LYS B 74 4.81 15.71 16.01
C LYS B 74 5.00 15.77 14.51
N THR B 75 4.35 14.85 13.78
CA THR B 75 4.44 14.86 12.32
C THR B 75 3.76 16.08 11.73
N LEU B 76 2.62 16.48 12.30
CA LEU B 76 1.91 17.65 11.80
C LEU B 76 2.72 18.93 12.01
N VAL B 77 3.46 19.01 13.12
CA VAL B 77 4.27 20.19 13.38
C VAL B 77 5.44 20.25 12.40
N ILE B 78 5.99 19.09 12.03
CA ILE B 78 7.03 19.06 11.01
C ILE B 78 6.51 19.63 9.70
N GLY B 79 5.28 19.26 9.32
CA GLY B 79 4.69 19.83 8.13
C GLY B 79 4.45 21.32 8.23
N GLN B 80 3.98 21.78 9.41
CA GLN B 80 3.82 23.20 9.62
C GLN B 80 5.17 23.92 9.65
N CYS B 81 6.21 23.23 10.12
CA CYS B 81 7.56 23.79 10.05
C CYS B 81 7.98 24.02 8.61
N ILE B 82 7.73 23.03 7.74
CA ILE B 82 8.09 23.14 6.34
C ILE B 82 7.33 24.29 5.68
N TYR B 83 6.06 24.45 6.05
CA TYR B 83 5.28 25.57 5.53
C TYR B 83 5.82 26.90 6.02
N THR B 84 6.18 26.98 7.31
CA THR B 84 6.61 28.24 7.89
C THR B 84 7.93 28.71 7.27
N PHE B 85 8.91 27.82 7.17
CA PHE B 85 10.20 28.20 6.62
C PHE B 85 10.19 28.36 5.10
N THR B 86 9.25 27.72 4.40
CA THR B 86 9.09 28.00 2.98
C THR B 86 8.62 29.42 2.75
N SER B 87 7.76 29.93 3.63
CA SER B 87 7.32 31.33 3.55
C SER B 87 8.45 32.27 3.93
N LEU B 88 9.27 31.87 4.91
CA LEU B 88 10.41 32.70 5.32
C LEU B 88 11.47 32.76 4.22
N PHE B 89 11.68 31.64 3.51
CA PHE B 89 12.63 31.58 2.40
C PHE B 89 11.97 31.88 1.05
N SER B 90 10.77 32.48 1.06
CA SER B 90 9.98 32.60 -0.16
C SER B 90 10.58 33.57 -1.17
N LEU B 91 11.51 34.44 -0.75
CA LEU B 91 12.23 35.26 -1.72
C LEU B 91 13.24 34.45 -2.53
N MET B 92 13.55 33.23 -2.09
CA MET B 92 14.40 32.30 -2.84
C MET B 92 13.54 31.11 -3.27
N PRO B 93 12.73 31.25 -4.31
CA PRO B 93 11.72 30.22 -4.59
C PRO B 93 12.30 28.89 -5.04
N ASP B 94 13.49 28.88 -5.64
CA ASP B 94 14.05 27.63 -6.14
C ASP B 94 14.57 26.73 -5.02
N VAL B 95 14.91 27.30 -3.87
CA VAL B 95 15.48 26.54 -2.76
C VAL B 95 14.66 26.66 -1.48
N ALA B 96 13.54 27.38 -1.50
CA ALA B 96 12.77 27.62 -0.28
C ALA B 96 12.24 26.32 0.30
N HIS B 97 11.49 25.56 -0.50
CA HIS B 97 10.91 24.31 0.00
C HIS B 97 11.99 23.31 0.35
N SER B 98 13.03 23.19 -0.50
CA SER B 98 14.07 22.19 -0.26
C SER B 98 14.85 22.50 1.01
N LEU B 99 15.20 23.77 1.24
CA LEU B 99 15.91 24.13 2.47
C LEU B 99 15.03 23.97 3.70
N ALA B 100 13.73 24.21 3.55
CA ALA B 100 12.82 24.05 4.68
C ALA B 100 12.68 22.59 5.09
N VAL B 101 12.79 21.67 4.13
CA VAL B 101 12.68 20.24 4.45
C VAL B 101 13.87 19.80 5.28
N GLU B 102 15.07 20.29 4.95
CA GLU B 102 16.27 19.85 5.65
C GLU B 102 16.34 20.42 7.07
N LEU B 103 15.72 21.57 7.31
CA LEU B 103 15.73 22.17 8.64
C LEU B 103 14.65 21.60 9.55
N CYS B 104 13.59 21.04 8.99
CA CYS B 104 12.43 20.63 9.78
C CYS B 104 12.35 19.13 10.00
N VAL B 105 12.76 18.32 9.03
CA VAL B 105 12.68 16.87 9.17
C VAL B 105 13.86 16.38 10.00
N PRO B 106 13.62 15.78 11.17
CA PRO B 106 14.75 15.37 12.02
C PRO B 106 15.59 14.25 11.41
N GLY B 107 14.96 13.32 10.69
CA GLY B 107 15.67 12.16 10.19
C GLY B 107 16.42 12.37 8.89
N LEU B 108 16.80 13.62 8.60
CA LEU B 108 17.59 13.92 7.41
C LEU B 108 18.97 14.42 7.80
#